data_1KWP
#
_entry.id   1KWP
#
_cell.length_a   143.944
_cell.length_b   143.944
_cell.length_c   90.273
_cell.angle_alpha   90
_cell.angle_beta   90
_cell.angle_gamma   120
#
_symmetry.space_group_name_H-M   'H 3'
#
loop_
_entity.id
_entity.type
_entity.pdbx_description
1 polymer 'MAP Kinase Activated Protein Kinase 2'
2 non-polymer 'MERCURY (II) ION'
3 water water
#
_entity_poly.entity_id   1
_entity_poly.type   'polypeptide(L)'
_entity_poly.pdbx_seq_one_letter_code
;MLSNSQGQSPPVPFPAPAPPPQPPTPALPHPPAQPPPPPPQQFPQFHVKSGLQIKKNAIIDDYKVTSQVLGLGINGKVLQ
IFNKRTQEKFALKMLQDCPKARREVELHWRASQCPHIVRIVDVYENLYAGRKCLLIVMECLDGGELFSRIQDRGDQAFTE
REASEIMKSIGEAIQYLHSINIAHRDVKPENLLYTSKRPNAILKLTDFGFAKETTSHNSLTTPCYTPYYVAPEVLGPEKY
DKSCDMWSLGVIMYILLCGYPPFYSNHGLAISPGMKTRIRMGQYEFPNPEWSEVSEEVKMLIRNLLKTEPTQRMTITEFM
NHPWIMQSTKVPQTPLHTSRVLKEDKERWEDVKEEMTSALATMRVDYEQIKIKKIEDASNPLLLKRRKKARALEAAALAH
;
_entity_poly.pdbx_strand_id   A,B
#
loop_
_chem_comp.id
_chem_comp.type
_chem_comp.name
_chem_comp.formula
HG non-polymer 'MERCURY (II) ION' 'Hg 2'
#
# COMPACT_ATOMS: atom_id res chain seq x y z
N PHE A 46 18.14 -18.86 15.99
CA PHE A 46 17.05 -18.04 15.38
C PHE A 46 16.91 -18.38 13.90
N HIS A 47 16.65 -17.38 13.06
CA HIS A 47 16.53 -17.63 11.63
C HIS A 47 17.44 -16.85 10.69
N VAL A 48 18.55 -17.41 10.17
CA VAL A 48 19.36 -16.65 9.21
C VAL A 48 18.47 -15.92 8.20
N LYS A 49 18.75 -14.64 8.00
CA LYS A 49 17.98 -13.83 7.06
C LYS A 49 18.96 -13.25 6.07
N SER A 50 18.55 -12.84 4.90
CA SER A 50 19.38 -12.26 3.89
C SER A 50 20.18 -11.05 4.41
N GLY A 51 21.37 -10.92 3.83
CA GLY A 51 22.23 -9.77 4.07
C GLY A 51 21.73 -8.59 3.25
N LEU A 52 22.15 -7.42 3.70
CA LEU A 52 21.79 -6.17 3.05
C LEU A 52 22.53 -6.03 1.72
N GLN A 53 21.79 -5.79 0.66
CA GLN A 53 22.42 -5.58 -0.62
C GLN A 53 22.00 -4.25 -1.25
N ILE A 54 22.93 -3.31 -1.21
CA ILE A 54 22.74 -1.97 -1.74
C ILE A 54 22.67 -2.07 -3.26
N LYS A 55 21.45 -1.98 -3.80
CA LYS A 55 21.21 -1.95 -5.23
C LYS A 55 21.96 -0.74 -5.80
N LYS A 56 22.67 -0.94 -6.90
CA LYS A 56 23.50 0.08 -7.50
C LYS A 56 22.87 0.81 -8.67
N ASN A 57 21.84 0.23 -9.30
CA ASN A 57 21.20 0.88 -10.42
C ASN A 57 20.53 2.18 -10.01
N ALA A 58 20.10 2.95 -11.03
CA ALA A 58 19.43 4.21 -10.68
C ALA A 58 18.21 3.95 -9.82
N ILE A 59 17.84 4.83 -8.89
CA ILE A 59 16.64 4.59 -8.09
C ILE A 59 15.35 4.87 -8.85
N ILE A 60 15.34 5.79 -9.81
CA ILE A 60 14.21 6.25 -10.57
C ILE A 60 13.61 5.36 -11.65
N ASP A 61 14.18 4.17 -11.81
CA ASP A 61 13.69 3.12 -12.67
C ASP A 61 13.03 2.05 -11.82
N ASP A 62 12.67 2.37 -10.58
CA ASP A 62 12.04 1.45 -9.64
C ASP A 62 10.94 2.13 -8.82
N TYR A 63 11.11 3.39 -8.50
CA TYR A 63 10.27 4.25 -7.70
C TYR A 63 10.23 5.61 -8.40
N LYS A 64 9.11 6.32 -8.34
CA LYS A 64 9.00 7.61 -9.00
C LYS A 64 9.51 8.71 -8.07
N VAL A 65 10.82 8.85 -8.12
CA VAL A 65 11.48 9.95 -7.38
C VAL A 65 11.15 11.09 -8.33
N THR A 66 10.47 12.15 -7.91
CA THR A 66 9.97 13.15 -8.86
C THR A 66 11.00 13.92 -9.65
N SER A 67 12.27 13.81 -9.27
CA SER A 67 13.54 14.33 -9.63
C SER A 67 13.48 15.87 -9.62
N GLN A 68 12.58 16.28 -8.80
CA GLN A 68 12.15 17.65 -8.56
C GLN A 68 12.17 17.49 -7.05
N VAL A 69 11.12 16.91 -6.51
CA VAL A 69 10.97 16.54 -5.12
C VAL A 69 12.24 16.00 -4.49
N LEU A 70 13.07 15.26 -5.19
CA LEU A 70 14.40 14.82 -4.85
C LEU A 70 15.28 15.90 -4.27
N GLY A 71 15.09 17.13 -4.68
CA GLY A 71 15.75 18.35 -4.34
C GLY A 71 15.54 18.81 -2.91
N LEU A 72 14.34 18.70 -2.35
CA LEU A 72 14.09 19.05 -0.97
C LEU A 72 14.69 18.05 0.01
N GLY A 73 15.12 16.89 -0.50
CA GLY A 73 15.71 15.85 0.33
C GLY A 73 17.21 15.93 0.48
N ILE A 74 17.84 17.08 0.43
CA ILE A 74 19.30 17.10 0.45
C ILE A 74 19.79 17.25 1.87
N ASN A 75 18.94 17.81 2.71
CA ASN A 75 19.34 18.01 4.11
C ASN A 75 18.88 16.83 4.96
N GLY A 76 18.28 15.84 4.33
CA GLY A 76 17.76 14.66 5.01
C GLY A 76 16.34 14.73 5.51
N LYS A 77 15.41 15.31 4.75
CA LYS A 77 14.01 15.34 5.18
C LYS A 77 13.31 14.18 4.47
N VAL A 78 12.66 13.30 5.21
CA VAL A 78 11.99 12.18 4.56
C VAL A 78 11.00 12.61 3.48
N LEU A 79 11.25 12.31 2.22
CA LEU A 79 10.34 12.70 1.14
C LEU A 79 9.48 11.51 0.72
N GLN A 80 8.57 11.65 -0.22
CA GLN A 80 7.74 10.50 -0.58
C GLN A 80 7.92 10.09 -2.02
N ILE A 81 8.05 8.79 -2.17
CA ILE A 81 8.14 8.17 -3.50
C ILE A 81 7.05 7.11 -3.59
N PHE A 82 6.78 6.49 -4.70
CA PHE A 82 5.83 5.43 -4.95
C PHE A 82 6.50 4.36 -5.81
N ASN A 83 6.42 3.09 -5.42
CA ASN A 83 6.99 2.02 -6.27
C ASN A 83 6.31 2.04 -7.64
N LYS A 84 7.12 1.72 -8.67
CA LYS A 84 6.61 1.76 -10.03
C LYS A 84 5.72 0.58 -10.41
N ARG A 85 6.15 -0.66 -10.24
CA ARG A 85 5.28 -1.74 -10.70
C ARG A 85 4.37 -2.20 -9.59
N THR A 86 3.82 -1.38 -8.71
CA THR A 86 2.96 -1.81 -7.63
C THR A 86 2.26 -0.53 -7.14
N GLN A 87 2.85 0.59 -7.52
CA GLN A 87 2.41 1.93 -7.16
C GLN A 87 2.12 2.08 -5.66
N GLU A 88 2.90 1.45 -4.80
CA GLU A 88 2.65 1.47 -3.37
C GLU A 88 3.22 2.72 -2.68
N LYS A 89 2.87 2.86 -1.42
CA LYS A 89 3.25 3.94 -0.51
C LYS A 89 4.71 4.29 -0.55
N PHE A 90 5.46 4.33 0.53
CA PHE A 90 6.90 4.52 0.59
C PHE A 90 7.41 5.94 0.88
N ALA A 91 8.37 5.91 1.81
CA ALA A 91 9.15 7.07 2.22
C ALA A 91 10.58 7.05 1.65
N LEU A 92 11.24 8.19 1.45
CA LEU A 92 12.64 8.26 1.09
C LEU A 92 13.47 9.27 1.92
N LYS A 93 14.52 8.77 2.56
CA LYS A 93 15.48 9.60 3.27
C LYS A 93 16.83 9.62 2.55
N MET A 94 17.31 10.84 2.25
CA MET A 94 18.59 10.89 1.55
C MET A 94 19.72 11.23 2.49
N LEU A 95 20.87 10.63 2.26
CA LEU A 95 22.03 10.78 3.15
C LEU A 95 23.28 10.96 2.27
N GLN A 96 24.31 11.64 2.74
CA GLN A 96 25.55 11.70 1.97
C GLN A 96 26.21 10.33 2.17
N ASP A 97 26.39 9.54 1.13
CA ASP A 97 26.95 8.20 1.23
C ASP A 97 28.35 8.26 1.82
N CYS A 98 28.65 7.30 2.68
CA CYS A 98 29.93 7.28 3.36
C CYS A 98 29.83 6.40 4.58
N PRO A 99 30.97 5.85 4.97
CA PRO A 99 31.02 5.01 6.16
C PRO A 99 30.76 5.89 7.38
N LYS A 100 29.61 5.74 7.97
CA LYS A 100 29.13 6.48 9.14
C LYS A 100 27.68 6.85 8.84
N ALA A 101 27.34 6.71 7.58
CA ALA A 101 25.96 6.84 7.11
C ALA A 101 25.55 5.43 6.73
N ARG A 102 26.45 4.75 6.07
CA ARG A 102 26.32 3.35 5.71
C ARG A 102 26.41 2.42 6.89
N ARG A 103 26.99 2.80 8.02
CA ARG A 103 27.10 2.01 9.24
C ARG A 103 25.74 2.08 9.93
N GLU A 104 25.17 3.28 9.96
CA GLU A 104 23.89 3.41 10.65
C GLU A 104 22.85 2.72 9.80
N VAL A 105 22.89 2.87 8.49
CA VAL A 105 21.91 2.20 7.62
C VAL A 105 22.14 0.70 7.71
N GLU A 106 23.35 0.23 7.94
CA GLU A 106 23.52 -1.22 8.17
C GLU A 106 22.78 -1.64 9.42
N LEU A 107 22.85 -0.85 10.49
CA LEU A 107 22.30 -0.97 11.79
C LEU A 107 20.78 -1.03 11.82
N HIS A 108 20.22 -0.03 11.14
CA HIS A 108 18.76 0.07 11.06
C HIS A 108 18.26 -1.08 10.17
N TRP A 109 19.01 -1.36 9.12
CA TRP A 109 18.64 -2.46 8.25
C TRP A 109 18.57 -3.72 9.11
N ARG A 110 19.62 -4.01 9.90
CA ARG A 110 19.54 -5.20 10.69
C ARG A 110 18.57 -5.10 11.83
N ALA A 111 17.66 -4.15 11.97
CA ALA A 111 16.66 -4.05 13.02
C ALA A 111 15.28 -3.65 12.45
N SER A 112 15.11 -3.95 11.15
CA SER A 112 13.84 -3.87 10.47
C SER A 112 12.85 -4.90 11.06
N GLN A 113 13.41 -6.05 11.39
CA GLN A 113 12.74 -7.07 12.15
C GLN A 113 11.69 -6.55 13.12
N CYS A 114 11.98 -6.04 14.32
CA CYS A 114 10.95 -5.67 15.25
C CYS A 114 9.80 -5.01 14.54
N PRO A 115 8.60 -5.34 15.00
CA PRO A 115 7.40 -4.69 14.46
C PRO A 115 7.39 -3.24 14.92
N HIS A 116 8.06 -2.92 16.01
CA HIS A 116 8.30 -1.63 16.57
C HIS A 116 9.41 -0.79 15.98
N ILE A 117 9.97 -1.07 14.80
CA ILE A 117 11.01 -0.33 14.16
C ILE A 117 10.46 -0.07 12.77
N VAL A 118 10.52 1.13 12.28
CA VAL A 118 10.11 1.37 10.90
C VAL A 118 10.81 0.31 10.06
N ARG A 119 10.31 0.12 8.84
CA ARG A 119 10.86 -0.90 7.96
C ARG A 119 11.50 -0.23 6.77
N ILE A 120 12.77 -0.62 6.59
CA ILE A 120 13.51 -0.16 5.41
C ILE A 120 13.30 -1.23 4.35
N VAL A 121 12.85 -0.80 3.19
CA VAL A 121 12.51 -1.72 2.11
C VAL A 121 13.60 -1.80 1.07
N ASP A 122 14.26 -0.69 0.73
CA ASP A 122 15.34 -0.66 -0.24
C ASP A 122 16.40 0.38 0.06
N VAL A 123 17.64 0.04 -0.28
CA VAL A 123 18.84 0.85 -0.05
C VAL A 123 19.46 0.98 -1.44
N TYR A 124 19.81 2.19 -1.85
CA TYR A 124 20.33 2.42 -3.19
C TYR A 124 21.56 3.30 -2.98
N GLU A 125 22.58 2.93 -3.75
CA GLU A 125 23.81 3.73 -3.76
C GLU A 125 23.96 4.32 -5.18
N ASN A 126 23.59 5.59 -5.32
CA ASN A 126 23.56 6.28 -6.58
C ASN A 126 24.30 7.62 -6.53
N LEU A 127 24.50 8.13 -7.72
CA LEU A 127 25.18 9.35 -8.10
C LEU A 127 24.18 10.43 -8.45
N TYR A 128 23.86 11.27 -7.48
CA TYR A 128 22.88 12.32 -7.64
C TYR A 128 23.62 13.66 -7.56
N ALA A 129 23.54 14.31 -8.72
CA ALA A 129 24.21 15.59 -8.96
C ALA A 129 25.65 15.18 -9.21
N GLY A 130 26.58 15.57 -8.34
CA GLY A 130 27.98 15.15 -8.58
C GLY A 130 28.48 14.18 -7.52
N ARG A 131 27.72 14.24 -6.42
CA ARG A 131 28.03 13.45 -5.23
C ARG A 131 27.74 11.97 -5.35
N LYS A 132 27.65 11.27 -4.24
CA LYS A 132 27.33 9.87 -4.14
C LYS A 132 26.32 9.76 -3.00
N CYS A 133 25.10 9.42 -3.42
CA CYS A 133 24.00 9.41 -2.48
C CYS A 133 23.61 8.02 -2.02
N LEU A 134 23.29 7.93 -0.74
CA LEU A 134 22.84 6.67 -0.12
C LEU A 134 21.33 6.78 0.08
N LEU A 135 20.51 6.29 -0.83
CA LEU A 135 19.07 6.58 -0.85
C LEU A 135 18.30 5.50 -0.16
N ILE A 136 17.76 5.70 1.05
CA ILE A 136 17.05 4.65 1.77
C ILE A 136 15.53 4.74 1.73
N VAL A 137 14.92 3.77 1.05
CA VAL A 137 13.46 3.69 0.89
C VAL A 137 12.84 2.97 2.08
N MET A 138 11.88 3.66 2.69
CA MET A 138 11.24 3.12 3.89
C MET A 138 9.73 3.01 3.80
N GLU A 139 9.20 2.01 4.48
CA GLU A 139 7.76 1.92 4.68
C GLU A 139 7.38 3.34 5.17
N CYS A 140 6.26 3.88 4.80
CA CYS A 140 5.73 5.17 5.18
C CYS A 140 4.77 5.13 6.35
N LEU A 141 4.95 5.97 7.37
CA LEU A 141 4.17 6.06 8.58
C LEU A 141 3.47 7.43 8.58
N ASP A 142 2.15 7.44 8.33
CA ASP A 142 1.40 8.65 8.08
C ASP A 142 0.39 8.92 9.18
N GLY A 143 0.40 7.99 10.12
CA GLY A 143 -0.45 8.09 11.28
C GLY A 143 -0.18 9.30 12.13
N GLY A 144 1.03 9.81 12.23
CA GLY A 144 1.32 10.98 13.00
C GLY A 144 2.57 10.93 13.85
N GLU A 145 2.92 12.06 14.50
CA GLU A 145 4.03 12.01 15.46
C GLU A 145 3.36 11.78 16.80
N LEU A 146 3.77 10.80 17.57
CA LEU A 146 3.21 10.43 18.85
C LEU A 146 2.60 11.58 19.61
N PHE A 147 3.34 12.53 20.20
CA PHE A 147 2.79 13.67 20.91
C PHE A 147 1.96 14.57 20.01
N SER A 148 2.13 14.52 18.68
CA SER A 148 1.33 15.34 17.80
C SER A 148 -0.04 14.72 17.69
N ARG A 149 -0.22 13.52 18.19
CA ARG A 149 -1.49 12.84 18.26
C ARG A 149 -2.17 13.22 19.57
N ILE A 150 -1.51 12.96 20.69
CA ILE A 150 -1.94 13.31 22.02
C ILE A 150 -2.29 14.78 22.08
N GLN A 151 -1.35 15.65 21.81
CA GLN A 151 -1.54 17.10 21.76
C GLN A 151 -2.92 17.41 21.19
N ASP A 152 -3.28 16.90 20.02
CA ASP A 152 -4.58 17.17 19.47
C ASP A 152 -5.65 16.10 19.76
N ARG A 153 -6.41 16.36 20.80
CA ARG A 153 -7.53 15.55 21.24
C ARG A 153 -8.66 16.54 21.59
N GLY A 154 -9.88 16.33 21.10
CA GLY A 154 -10.97 17.27 21.44
C GLY A 154 -11.00 17.45 22.96
N ASP A 155 -11.04 16.31 23.64
CA ASP A 155 -11.04 16.20 25.07
C ASP A 155 -10.96 14.73 25.43
N GLN A 156 -10.71 13.84 24.46
CA GLN A 156 -10.52 12.42 24.79
C GLN A 156 -9.73 12.20 26.09
N ALA A 157 -8.75 13.03 26.41
CA ALA A 157 -7.99 12.99 27.64
C ALA A 157 -7.05 11.80 27.59
N PHE A 158 -5.77 12.02 27.85
CA PHE A 158 -4.72 11.02 27.82
C PHE A 158 -4.77 10.31 29.15
N THR A 159 -4.78 8.98 29.21
CA THR A 159 -4.99 8.44 30.57
C THR A 159 -3.83 7.57 30.95
N GLU A 160 -3.34 7.57 32.19
CA GLU A 160 -2.15 6.84 32.60
C GLU A 160 -1.91 5.45 32.04
N ARG A 161 -2.96 4.70 31.80
CA ARG A 161 -2.87 3.38 31.21
C ARG A 161 -2.43 3.43 29.75
N GLU A 162 -2.76 4.50 29.05
CA GLU A 162 -2.32 4.69 27.66
C GLU A 162 -0.84 5.08 27.73
N ALA A 163 -0.53 5.94 28.72
CA ALA A 163 0.86 6.28 29.04
C ALA A 163 1.71 5.04 29.28
N SER A 164 1.15 4.04 29.93
CA SER A 164 1.77 2.74 30.13
C SER A 164 1.79 1.90 28.86
N GLU A 165 0.71 1.88 28.09
CA GLU A 165 0.69 0.99 26.90
C GLU A 165 1.80 1.44 25.94
N ILE A 166 1.82 2.73 25.67
CA ILE A 166 2.84 3.44 24.93
C ILE A 166 4.23 3.14 25.48
N MET A 167 4.44 3.30 26.81
CA MET A 167 5.79 3.03 27.29
C MET A 167 6.17 1.58 27.00
N LYS A 168 5.27 0.57 27.00
CA LYS A 168 5.69 -0.79 26.65
C LYS A 168 6.10 -0.87 25.18
N SER A 169 5.35 -0.20 24.31
CA SER A 169 5.68 -0.08 22.91
C SER A 169 7.13 0.39 22.71
N ILE A 170 7.40 1.57 23.29
CA ILE A 170 8.72 2.14 23.09
C ILE A 170 9.77 1.27 23.76
N GLY A 171 9.45 0.81 24.97
CA GLY A 171 10.34 -0.09 25.68
C GLY A 171 10.50 -1.41 24.92
N GLU A 172 9.61 -1.70 23.96
CA GLU A 172 9.72 -2.94 23.22
C GLU A 172 10.91 -2.84 22.27
N ALA A 173 10.91 -1.70 21.60
CA ALA A 173 11.86 -1.30 20.57
C ALA A 173 13.30 -1.32 21.03
N ILE A 174 13.50 -0.69 22.18
CA ILE A 174 14.74 -0.58 22.87
C ILE A 174 15.15 -1.93 23.43
N GLN A 175 14.17 -2.71 23.85
CA GLN A 175 14.50 -4.06 24.34
C GLN A 175 14.90 -4.90 23.14
N TYR A 176 14.37 -4.61 21.96
CA TYR A 176 14.84 -5.29 20.77
C TYR A 176 16.25 -4.88 20.49
N LEU A 177 16.43 -3.64 20.05
CA LEU A 177 17.71 -3.01 19.76
C LEU A 177 18.84 -3.37 20.70
N HIS A 178 18.58 -3.34 21.99
CA HIS A 178 19.51 -3.63 23.06
C HIS A 178 19.93 -5.08 23.25
N SER A 179 19.18 -6.04 22.71
CA SER A 179 19.58 -7.45 22.81
C SER A 179 20.44 -7.95 21.65
N ILE A 180 20.58 -7.06 20.66
CA ILE A 180 21.29 -7.36 19.43
C ILE A 180 22.41 -6.33 19.30
N ASN A 181 22.81 -5.82 20.44
CA ASN A 181 23.80 -4.82 20.71
C ASN A 181 23.71 -3.54 19.86
N ILE A 182 22.56 -2.96 19.60
CA ILE A 182 22.44 -1.65 19.03
C ILE A 182 21.97 -0.63 20.08
N ALA A 183 22.58 0.54 20.17
CA ALA A 183 22.19 1.67 21.01
C ALA A 183 21.68 2.75 20.04
N HIS A 184 20.41 3.07 20.12
CA HIS A 184 19.75 4.01 19.20
C HIS A 184 20.26 5.42 19.39
N ARG A 185 20.25 5.88 20.61
CA ARG A 185 20.68 7.13 21.18
C ARG A 185 20.02 8.37 20.67
N ASP A 186 18.90 8.34 19.98
CA ASP A 186 18.17 9.52 19.57
C ASP A 186 16.65 9.38 19.79
N VAL A 187 16.30 8.60 20.82
CA VAL A 187 14.90 8.31 21.08
C VAL A 187 14.25 9.54 21.71
N LYS A 188 13.44 10.19 20.91
CA LYS A 188 12.82 11.48 21.15
C LYS A 188 11.55 11.61 20.31
N PRO A 189 10.68 12.57 20.63
CA PRO A 189 9.35 12.64 20.03
C PRO A 189 9.32 12.67 18.51
N GLU A 190 10.27 13.34 17.84
CA GLU A 190 10.28 13.39 16.39
C GLU A 190 10.47 12.00 15.74
N ASN A 191 11.05 11.11 16.54
CA ASN A 191 11.31 9.77 16.09
C ASN A 191 10.30 8.70 16.55
N LEU A 192 9.16 9.07 17.14
CA LEU A 192 8.18 8.03 17.42
C LEU A 192 6.87 8.30 16.68
N LEU A 193 6.71 7.63 15.55
CA LEU A 193 5.54 7.82 14.70
C LEU A 193 4.58 6.65 14.57
N TYR A 194 3.30 7.03 14.55
CA TYR A 194 2.16 6.15 14.30
C TYR A 194 2.16 5.76 12.82
N THR A 195 1.71 4.52 12.57
CA THR A 195 1.61 3.96 11.26
C THR A 195 0.50 4.50 10.38
N SER A 196 -0.75 4.28 10.78
CA SER A 196 -1.89 4.62 9.92
C SER A 196 -2.74 5.85 10.03
N LYS A 197 -3.24 6.26 11.18
CA LYS A 197 -4.11 7.43 11.35
C LYS A 197 -5.36 6.98 12.13
N ARG A 198 -6.06 6.02 11.49
CA ARG A 198 -7.24 5.50 12.19
C ARG A 198 -6.73 4.52 13.25
N PRO A 199 -7.63 4.02 14.08
CA PRO A 199 -7.36 3.14 15.19
C PRO A 199 -6.57 1.88 14.87
N ASN A 200 -6.06 1.22 15.91
CA ASN A 200 -5.20 0.05 15.72
C ASN A 200 -3.78 0.41 15.25
N ALA A 201 -3.48 1.71 15.20
CA ALA A 201 -2.23 2.25 14.75
C ALA A 201 -1.05 1.71 15.53
N ILE A 202 0.08 1.55 14.86
CA ILE A 202 1.26 1.10 15.62
C ILE A 202 2.31 2.20 15.74
N LEU A 203 3.01 2.08 16.88
CA LEU A 203 4.07 3.05 17.17
C LEU A 203 5.45 2.46 16.91
N LYS A 204 6.16 3.15 16.01
CA LYS A 204 7.56 2.78 15.75
C LYS A 204 8.56 3.94 15.64
N LEU A 205 9.83 3.58 15.94
CA LEU A 205 10.88 4.60 15.97
C LEU A 205 11.65 4.59 14.66
N THR A 206 12.05 5.81 14.34
CA THR A 206 12.81 5.93 13.09
C THR A 206 14.10 6.65 13.38
N ASP A 207 14.76 7.12 12.35
CA ASP A 207 15.97 7.88 12.41
C ASP A 207 17.09 7.23 13.19
N PHE A 208 17.83 6.33 12.61
CA PHE A 208 19.00 5.72 13.20
C PHE A 208 20.31 6.44 12.94
N GLY A 209 20.38 7.76 12.76
CA GLY A 209 21.57 8.47 12.44
C GLY A 209 22.60 8.77 13.50
N PHE A 210 22.55 8.16 14.65
CA PHE A 210 23.36 8.22 15.79
C PHE A 210 23.41 6.81 16.40
N ALA A 211 22.68 5.88 15.80
CA ALA A 211 22.61 4.52 16.34
C ALA A 211 24.02 3.93 16.27
N LYS A 212 24.51 3.30 17.31
CA LYS A 212 25.84 2.76 17.48
C LYS A 212 25.76 1.36 18.06
N GLU A 213 26.83 0.58 17.85
CA GLU A 213 26.98 -0.79 18.29
C GLU A 213 27.41 -0.90 19.73
N THR A 214 26.52 -1.22 20.66
CA THR A 214 26.89 -1.34 22.08
C THR A 214 27.67 -2.61 22.36
N THR A 215 28.88 -2.81 21.82
CA THR A 215 29.54 -4.09 22.06
C THR A 215 31.07 -4.08 22.07
N SER A 216 31.69 -4.32 23.24
CA SER A 216 33.16 -4.34 23.25
C SER A 216 33.72 -5.27 24.32
N GLY A 236 31.23 3.25 30.45
CA GLY A 236 31.93 2.29 29.59
C GLY A 236 30.93 1.89 28.52
N PRO A 237 31.37 1.84 27.27
CA PRO A 237 30.48 1.51 26.17
C PRO A 237 29.38 0.50 26.38
N GLU A 238 29.37 -0.61 27.12
CA GLU A 238 28.14 -1.40 27.25
C GLU A 238 27.06 -0.43 27.79
N LYS A 239 27.36 -0.05 29.02
CA LYS A 239 26.47 0.73 29.85
C LYS A 239 26.22 2.10 29.29
N TYR A 240 27.23 2.92 29.15
CA TYR A 240 27.06 4.31 28.74
C TYR A 240 26.16 4.48 27.51
N ASP A 241 26.65 3.99 26.39
CA ASP A 241 25.76 4.08 25.22
C ASP A 241 24.32 3.81 25.61
N LYS A 242 24.07 2.56 25.96
CA LYS A 242 22.76 2.02 26.28
C LYS A 242 21.91 2.94 27.11
N SER A 243 22.50 3.50 28.13
CA SER A 243 21.92 4.50 29.01
C SER A 243 21.45 5.75 28.30
N CYS A 244 21.82 6.17 27.10
CA CYS A 244 21.18 7.34 26.50
C CYS A 244 19.74 6.98 26.12
N ASP A 245 19.42 5.71 25.94
CA ASP A 245 18.11 5.22 25.64
C ASP A 245 17.24 5.19 26.89
N MET A 246 17.91 4.82 27.99
CA MET A 246 17.15 4.74 29.25
C MET A 246 16.78 6.13 29.72
N TRP A 247 17.74 7.04 29.56
CA TRP A 247 17.46 8.41 29.91
C TRP A 247 16.30 8.92 29.06
N SER A 248 16.38 8.71 27.73
CA SER A 248 15.28 9.17 26.91
C SER A 248 13.99 8.57 27.39
N LEU A 249 13.96 7.34 27.86
CA LEU A 249 12.71 6.72 28.29
C LEU A 249 12.23 7.35 29.60
N GLY A 250 13.17 7.69 30.46
CA GLY A 250 12.78 8.51 31.63
C GLY A 250 12.23 9.87 31.20
N VAL A 251 12.78 10.53 30.18
CA VAL A 251 12.31 11.82 29.74
C VAL A 251 10.98 11.67 29.02
N ILE A 252 10.80 10.65 28.19
CA ILE A 252 9.48 10.54 27.55
C ILE A 252 8.37 10.24 28.52
N MET A 253 8.50 9.23 29.36
CA MET A 253 7.49 8.83 30.35
C MET A 253 7.13 9.97 31.30
N TYR A 254 8.02 10.89 31.60
CA TYR A 254 7.64 12.05 32.45
C TYR A 254 6.78 13.04 31.66
N ILE A 255 7.20 13.52 30.47
CA ILE A 255 6.34 14.34 29.65
C ILE A 255 5.01 13.60 29.44
N LEU A 256 5.05 12.33 29.05
CA LEU A 256 3.78 11.59 28.99
C LEU A 256 2.87 11.66 30.22
N LEU A 257 3.38 11.58 31.44
CA LEU A 257 2.62 11.64 32.66
C LEU A 257 2.21 13.04 33.15
N CYS A 258 3.01 14.08 32.92
CA CYS A 258 2.80 15.43 33.41
C CYS A 258 2.29 16.35 32.29
N GLY A 259 3.00 16.28 31.15
CA GLY A 259 2.93 17.08 29.96
C GLY A 259 4.15 18.04 29.97
N TYR A 260 4.97 17.93 31.02
CA TYR A 260 6.15 18.79 31.15
C TYR A 260 7.38 17.88 31.21
N PRO A 261 8.53 18.38 30.82
CA PRO A 261 9.78 17.62 30.85
C PRO A 261 10.36 17.66 32.24
N PRO A 262 11.19 16.69 32.62
CA PRO A 262 11.84 16.69 33.90
C PRO A 262 12.98 17.68 33.84
N PHE A 263 12.83 18.90 33.32
CA PHE A 263 13.89 19.87 33.14
C PHE A 263 13.80 21.09 34.07
N TYR A 264 13.04 20.88 35.14
CA TYR A 264 12.84 21.96 36.12
C TYR A 264 13.79 21.66 37.29
N SER A 265 14.15 22.81 37.86
CA SER A 265 15.05 22.87 38.97
C SER A 265 14.59 24.04 39.85
N ASN A 266 14.62 23.73 41.14
CA ASN A 266 14.36 24.79 42.12
C ASN A 266 15.61 24.96 42.99
N HIS A 267 16.40 23.87 43.13
CA HIS A 267 17.50 23.85 44.07
C HIS A 267 18.54 24.95 43.78
N GLY A 268 19.66 24.54 43.20
CA GLY A 268 20.73 25.50 43.05
C GLY A 268 20.83 25.99 41.61
N LEU A 269 22.07 25.80 41.15
CA LEU A 269 22.43 26.23 39.81
C LEU A 269 21.56 25.44 38.85
N ALA A 270 20.74 26.06 38.03
CA ALA A 270 19.90 25.44 37.07
C ALA A 270 20.76 24.89 35.92
N ILE A 271 21.51 23.86 36.26
CA ILE A 271 22.30 23.12 35.28
C ILE A 271 21.27 22.47 34.37
N SER A 272 21.62 22.41 33.08
CA SER A 272 20.75 21.81 32.08
C SER A 272 20.76 20.28 32.17
N PRO A 273 19.78 19.62 31.56
CA PRO A 273 19.58 18.19 31.66
C PRO A 273 20.68 17.39 30.99
N GLY A 274 21.08 17.89 29.84
CA GLY A 274 22.20 17.29 29.10
C GLY A 274 23.41 17.27 30.04
N MET A 275 23.78 18.46 30.51
CA MET A 275 24.93 18.59 31.38
C MET A 275 24.71 17.87 32.69
N LYS A 276 23.46 17.87 33.18
CA LYS A 276 23.10 17.16 34.41
C LYS A 276 23.57 15.72 34.37
N THR A 277 23.68 15.03 33.25
CA THR A 277 24.26 13.71 33.17
C THR A 277 25.78 13.68 33.32
N ARG A 278 26.48 14.81 33.18
CA ARG A 278 27.94 14.81 33.43
C ARG A 278 28.16 15.22 34.90
N ILE A 279 27.03 15.51 35.55
CA ILE A 279 26.73 15.81 36.91
C ILE A 279 26.85 17.28 37.29
N ARG A 280 26.02 17.54 38.30
CA ARG A 280 25.73 18.74 39.04
C ARG A 280 24.25 18.65 39.42
N MET A 281 23.47 19.67 39.17
CA MET A 281 22.07 19.70 39.53
C MET A 281 21.61 21.15 39.50
N TYR A 284 16.41 16.53 39.64
CA TYR A 284 15.22 16.46 38.79
C TYR A 284 14.02 16.55 39.74
N GLU A 285 13.05 17.41 39.41
CA GLU A 285 11.92 17.53 40.33
C GLU A 285 10.59 17.30 39.66
N PHE A 286 9.66 16.80 40.46
CA PHE A 286 8.31 16.49 39.99
C PHE A 286 7.26 17.54 40.35
N PRO A 287 6.25 17.58 39.47
CA PRO A 287 5.06 18.40 39.64
C PRO A 287 4.38 18.33 40.99
N ASN A 288 3.76 19.46 41.37
CA ASN A 288 3.05 19.65 42.62
C ASN A 288 2.39 18.30 42.89
N PRO A 289 2.66 17.76 44.07
CA PRO A 289 2.09 16.47 44.45
C PRO A 289 0.63 16.37 44.04
N GLU A 290 -0.22 17.33 44.38
CA GLU A 290 -1.54 17.48 43.84
C GLU A 290 -1.59 18.41 42.63
N TRP A 291 -2.21 17.97 41.54
CA TRP A 291 -2.39 18.78 40.36
C TRP A 291 -2.50 17.79 39.20
N SER A 292 -1.49 16.99 39.07
CA SER A 292 -1.42 16.06 37.93
C SER A 292 -0.35 15.03 38.31
N GLU A 293 0.31 15.36 39.44
CA GLU A 293 1.29 14.47 40.03
C GLU A 293 0.64 13.25 40.69
N VAL A 294 -0.60 12.94 40.37
CA VAL A 294 -1.45 11.81 40.61
C VAL A 294 -0.76 10.48 40.29
N SER A 295 0.32 10.61 39.54
CA SER A 295 1.42 9.75 39.25
C SER A 295 1.91 9.09 40.55
N GLU A 296 1.56 7.82 40.66
CA GLU A 296 1.88 6.90 41.72
C GLU A 296 3.32 7.09 42.19
N GLU A 297 3.61 6.88 43.47
CA GLU A 297 4.99 6.94 43.97
C GLU A 297 5.81 5.79 43.36
N VAL A 298 5.15 4.71 42.95
CA VAL A 298 5.77 3.66 42.15
C VAL A 298 6.02 4.26 40.77
N LYS A 299 5.10 5.05 40.20
CA LYS A 299 5.39 5.75 38.97
C LYS A 299 6.53 6.76 39.22
N MET A 300 6.74 7.27 40.44
CA MET A 300 7.85 8.19 40.59
C MET A 300 9.17 7.46 40.67
N LEU A 301 9.27 6.29 41.32
CA LEU A 301 10.59 5.69 41.50
C LEU A 301 11.24 5.28 40.19
N ILE A 302 10.47 4.70 39.28
CA ILE A 302 10.84 4.21 37.98
C ILE A 302 11.30 5.28 37.01
N ARG A 303 10.57 6.40 36.93
CA ARG A 303 10.98 7.56 36.19
C ARG A 303 12.23 8.14 36.86
N ASN A 304 12.62 7.85 38.07
CA ASN A 304 13.80 8.34 38.74
C ASN A 304 14.98 7.39 38.52
N LEU A 305 14.71 6.08 38.64
CA LEU A 305 15.75 5.10 38.38
C LEU A 305 16.20 5.23 36.92
N LEU A 306 15.28 5.45 35.98
CA LEU A 306 15.60 5.67 34.58
C LEU A 306 16.44 6.91 34.31
N LYS A 307 16.69 7.82 35.23
CA LYS A 307 17.50 9.00 34.95
C LYS A 307 18.87 9.01 35.60
N THR A 308 19.02 8.40 36.77
CA THR A 308 20.31 8.34 37.45
C THR A 308 21.21 7.78 36.35
N GLU A 309 22.37 8.38 36.14
CA GLU A 309 23.23 7.91 35.06
C GLU A 309 24.49 7.15 35.41
N PRO A 310 24.96 7.23 36.64
CA PRO A 310 26.19 6.69 37.17
C PRO A 310 26.81 5.35 36.86
N THR A 311 26.18 4.28 37.32
CA THR A 311 26.68 2.91 37.21
C THR A 311 25.48 2.07 37.65
N GLN A 312 24.73 2.62 38.60
CA GLN A 312 23.47 2.06 39.07
C GLN A 312 22.34 2.52 38.13
N ARG A 313 22.55 2.33 36.84
CA ARG A 313 21.61 2.69 35.81
C ARG A 313 20.69 1.48 35.62
N MET A 314 19.46 1.74 35.17
CA MET A 314 18.51 0.69 34.91
C MET A 314 18.90 -0.07 33.65
N THR A 315 18.29 -1.22 33.46
CA THR A 315 18.46 -2.11 32.32
C THR A 315 17.09 -2.15 31.66
N ILE A 316 17.00 -2.29 30.34
CA ILE A 316 15.73 -2.43 29.65
C ILE A 316 15.01 -3.65 30.19
N THR A 317 15.71 -4.69 30.61
CA THR A 317 14.99 -5.83 31.22
C THR A 317 14.33 -5.40 32.51
N GLU A 318 15.07 -4.68 33.36
CA GLU A 318 14.49 -4.11 34.57
C GLU A 318 13.21 -3.35 34.27
N PHE A 319 13.20 -2.46 33.30
CA PHE A 319 12.06 -1.68 32.93
C PHE A 319 10.86 -2.53 32.55
N MET A 320 11.20 -3.54 31.73
CA MET A 320 10.17 -4.36 31.10
C MET A 320 9.72 -5.37 32.14
N ASN A 321 10.52 -5.55 33.19
CA ASN A 321 10.17 -6.43 34.28
C ASN A 321 9.47 -5.64 35.37
N HIS A 322 8.83 -4.53 34.98
CA HIS A 322 8.15 -3.67 35.95
C HIS A 322 6.65 -3.83 35.89
N PRO A 323 5.94 -3.78 37.01
CA PRO A 323 4.51 -3.94 37.08
C PRO A 323 3.69 -3.01 36.19
N TRP A 324 4.03 -1.74 36.37
CA TRP A 324 3.50 -0.60 35.65
C TRP A 324 3.72 -0.77 34.16
N ILE A 325 4.85 -1.33 33.80
CA ILE A 325 5.16 -1.58 32.39
C ILE A 325 4.46 -2.83 31.88
N MET A 326 4.78 -3.92 32.56
CA MET A 326 4.46 -5.29 32.21
C MET A 326 3.02 -5.61 32.49
N GLN A 327 2.54 -5.31 33.71
CA GLN A 327 1.10 -5.51 33.97
C GLN A 327 0.33 -4.26 33.56
N SER A 328 0.79 -3.51 32.58
CA SER A 328 0.20 -2.30 32.07
C SER A 328 -1.19 -2.64 31.61
N THR A 329 -1.92 -1.78 30.91
CA THR A 329 -3.24 -2.14 30.43
C THR A 329 -4.12 -2.83 31.50
N LYS A 330 -3.83 -2.56 32.75
CA LYS A 330 -4.35 -2.97 34.00
C LYS A 330 -4.08 -1.79 34.95
N VAL A 331 -3.11 -0.95 34.59
CA VAL A 331 -2.90 0.21 35.48
C VAL A 331 -4.17 1.05 35.31
N PRO A 332 -4.53 1.82 36.33
CA PRO A 332 -5.68 2.70 36.29
C PRO A 332 -5.67 3.65 35.11
N GLN A 333 -6.83 4.12 34.73
CA GLN A 333 -7.06 5.02 33.62
C GLN A 333 -7.28 6.44 34.15
N THR A 334 -6.37 6.82 35.05
CA THR A 334 -6.35 8.17 35.60
C THR A 334 -6.20 9.15 34.46
N PRO A 335 -7.24 9.91 34.21
CA PRO A 335 -7.20 10.95 33.18
C PRO A 335 -6.02 11.84 33.54
N LEU A 336 -5.35 12.42 32.53
CA LEU A 336 -4.20 13.27 32.78
C LEU A 336 -4.19 14.58 32.06
N HIS A 337 -3.31 15.47 32.49
CA HIS A 337 -3.14 16.82 31.95
C HIS A 337 -2.29 16.99 30.71
N THR A 338 -1.70 15.92 30.22
CA THR A 338 -0.84 15.93 29.05
C THR A 338 -1.40 16.59 27.82
N SER A 339 -2.60 16.25 27.37
CA SER A 339 -3.22 16.89 26.21
C SER A 339 -3.32 18.40 26.39
N ARG A 340 -3.76 18.83 27.56
CA ARG A 340 -3.96 20.25 27.83
C ARG A 340 -2.68 21.07 27.72
N VAL A 341 -1.62 20.56 28.33
CA VAL A 341 -0.42 21.36 28.42
C VAL A 341 0.24 21.58 27.09
N LEU A 342 0.39 20.49 26.33
CA LEU A 342 0.97 20.48 25.01
C LEU A 342 0.11 21.27 24.06
N LYS A 343 -1.20 21.26 24.27
CA LYS A 343 -2.13 22.00 23.43
C LYS A 343 -2.07 23.48 23.77
N GLU A 344 -2.14 23.77 25.07
CA GLU A 344 -2.17 25.15 25.54
C GLU A 344 -0.95 25.98 25.20
N ASP A 345 0.25 25.42 25.05
CA ASP A 345 1.37 26.20 24.55
C ASP A 345 2.14 25.41 23.50
N LYS A 346 1.62 25.40 22.29
CA LYS A 346 2.33 24.80 21.14
C LYS A 346 3.50 25.70 20.78
N GLU A 347 4.63 25.63 21.43
CA GLU A 347 5.75 26.54 21.25
C GLU A 347 6.81 26.32 22.34
N ARG A 348 6.24 26.06 23.52
CA ARG A 348 7.00 25.70 24.71
C ARG A 348 7.11 24.17 24.63
N TRP A 349 6.23 23.56 23.86
CA TRP A 349 6.39 22.19 23.41
C TRP A 349 7.50 22.02 22.38
N GLU A 350 7.56 22.89 21.39
CA GLU A 350 8.58 23.05 20.41
C GLU A 350 9.89 23.39 21.18
N ASP A 351 9.72 24.18 22.23
CA ASP A 351 10.86 24.55 23.06
C ASP A 351 11.34 23.30 23.75
N VAL A 352 10.45 22.56 24.40
CA VAL A 352 10.85 21.30 25.05
C VAL A 352 11.57 20.37 24.09
N LYS A 353 11.07 20.18 22.89
CA LYS A 353 11.68 19.36 21.87
C LYS A 353 13.11 19.70 21.52
N GLU A 354 13.36 21.00 21.31
CA GLU A 354 14.71 21.45 20.96
C GLU A 354 15.65 21.00 22.07
N GLU A 355 15.26 21.25 23.30
CA GLU A 355 15.97 20.97 24.52
C GLU A 355 16.29 19.51 24.74
N MET A 356 15.42 18.61 24.29
CA MET A 356 15.80 17.19 24.43
C MET A 356 16.78 16.89 23.31
N THR A 357 16.56 17.34 22.07
CA THR A 357 17.56 17.22 21.02
C THR A 357 18.94 17.61 21.54
N SER A 358 19.00 18.81 22.09
CA SER A 358 20.24 19.33 22.68
C SER A 358 20.87 18.49 23.78
N ALA A 359 20.01 18.02 24.68
CA ALA A 359 20.35 17.22 25.83
C ALA A 359 21.03 15.94 25.34
N LEU A 360 20.41 15.26 24.41
CA LEU A 360 20.96 14.15 23.66
C LEU A 360 22.29 14.44 22.98
N ALA A 361 22.37 15.49 22.15
CA ALA A 361 23.65 15.86 21.58
C ALA A 361 24.69 16.11 22.65
N THR A 362 24.45 16.72 23.80
CA THR A 362 25.53 16.91 24.74
C THR A 362 25.83 15.60 25.47
N MET A 363 24.95 14.61 25.58
CA MET A 363 25.33 13.41 26.34
C MET A 363 26.13 12.37 25.55
N ARG A 364 25.79 12.19 24.29
CA ARG A 364 26.42 11.22 23.40
C ARG A 364 27.93 11.41 23.31
N VAL A 365 28.68 10.33 23.49
CA VAL A 365 30.11 10.30 23.35
C VAL A 365 30.42 9.41 22.17
N ASP A 366 31.22 9.87 21.23
CA ASP A 366 31.56 9.13 20.01
C ASP A 366 33.06 9.03 19.83
N TYR A 367 33.45 8.12 18.97
CA TYR A 367 34.86 7.79 18.79
C TYR A 367 35.36 8.36 17.49
N GLU A 368 36.66 8.37 17.31
CA GLU A 368 37.18 8.87 16.04
C GLU A 368 38.67 8.57 15.98
N GLN A 369 39.12 8.26 14.78
CA GLN A 369 40.50 7.82 14.61
C GLN A 369 41.38 9.03 14.48
N ILE A 370 42.66 8.91 14.80
CA ILE A 370 43.54 10.07 14.62
C ILE A 370 44.17 10.07 13.24
N LYS A 371 44.08 11.16 12.50
CA LYS A 371 44.61 11.34 11.16
C LYS A 371 45.55 12.55 11.11
N ILE A 372 46.81 12.26 10.89
CA ILE A 372 47.89 13.24 10.85
C ILE A 372 48.22 13.52 9.40
N LYS A 373 48.57 14.77 9.17
CA LYS A 373 48.87 15.17 7.79
C LYS A 373 50.24 14.69 7.37
N LYS A 374 50.41 14.40 6.08
CA LYS A 374 51.73 14.07 5.55
C LYS A 374 52.02 14.91 4.29
N ILE A 375 53.30 15.25 4.23
CA ILE A 375 53.82 16.02 3.10
C ILE A 375 55.28 15.63 2.96
N GLU A 376 55.82 15.68 1.78
CA GLU A 376 57.24 15.30 1.61
C GLU A 376 58.30 16.20 2.23
N ASP A 377 59.30 15.52 2.80
CA ASP A 377 60.43 16.18 3.49
C ASP A 377 61.34 16.87 2.48
N ALA A 378 61.54 18.19 2.60
CA ALA A 378 62.32 19.02 1.68
C ALA A 378 63.83 18.97 1.72
N SER A 379 64.44 17.86 1.37
CA SER A 379 65.85 17.59 1.54
C SER A 379 66.85 18.57 0.95
N ASN A 380 66.51 19.19 -0.14
CA ASN A 380 67.26 20.17 -0.86
C ASN A 380 66.22 20.98 -1.63
N PRO A 381 65.90 22.16 -1.12
CA PRO A 381 64.97 23.05 -1.76
C PRO A 381 65.45 23.58 -3.09
N LEU A 382 66.58 23.20 -3.62
CA LEU A 382 67.13 23.60 -4.89
C LEU A 382 67.00 22.56 -5.99
N LEU A 383 66.52 21.38 -5.69
CA LEU A 383 66.33 20.34 -6.70
C LEU A 383 65.26 20.66 -7.76
N LEU A 384 65.16 19.76 -8.75
CA LEU A 384 64.17 19.83 -9.82
C LEU A 384 62.74 19.81 -9.27
N LYS A 385 62.48 19.13 -8.18
CA LYS A 385 61.19 19.08 -7.51
C LYS A 385 60.60 20.49 -7.37
N PRO B 44 2.12 9.94 -29.52
CA PRO B 44 2.17 10.79 -28.33
C PRO B 44 3.09 10.15 -27.29
N GLN B 45 2.55 9.42 -26.32
CA GLN B 45 3.40 8.83 -25.29
C GLN B 45 4.62 8.15 -25.90
N PHE B 46 4.43 6.92 -26.39
CA PHE B 46 5.35 6.02 -27.03
C PHE B 46 6.64 5.63 -26.34
N HIS B 47 6.66 5.45 -25.01
CA HIS B 47 7.87 5.20 -24.26
C HIS B 47 8.26 3.75 -24.29
N VAL B 48 9.47 3.38 -24.66
CA VAL B 48 9.91 1.99 -24.68
C VAL B 48 9.99 1.51 -23.24
N LYS B 49 9.22 0.50 -22.90
CA LYS B 49 9.15 -0.08 -21.57
C LYS B 49 9.84 -1.45 -21.55
N SER B 50 10.24 -2.02 -20.40
CA SER B 50 10.92 -3.30 -20.50
C SER B 50 9.98 -4.47 -20.77
N GLY B 51 10.62 -5.61 -21.14
CA GLY B 51 9.80 -6.75 -21.55
C GLY B 51 9.59 -7.72 -20.39
N LEU B 52 8.46 -8.42 -20.35
CA LEU B 52 8.17 -9.34 -19.27
C LEU B 52 9.26 -10.37 -18.95
N GLN B 53 9.70 -10.27 -17.70
CA GLN B 53 10.65 -11.18 -17.10
C GLN B 53 9.96 -12.21 -16.22
N ILE B 54 9.83 -13.48 -16.60
CA ILE B 54 9.15 -14.48 -15.74
C ILE B 54 10.01 -14.85 -14.56
N LYS B 55 9.71 -14.48 -13.30
CA LYS B 55 10.68 -14.90 -12.27
C LYS B 55 10.61 -16.40 -12.06
N LYS B 56 11.80 -17.02 -12.09
CA LYS B 56 11.90 -18.45 -11.85
C LYS B 56 12.11 -18.85 -10.41
N ASN B 57 12.30 -17.93 -9.51
CA ASN B 57 12.45 -18.22 -8.11
C ASN B 57 11.10 -18.36 -7.42
N ALA B 58 11.07 -19.09 -6.33
CA ALA B 58 9.82 -19.31 -5.61
C ALA B 58 9.13 -18.01 -5.15
N ILE B 59 7.78 -18.09 -5.07
CA ILE B 59 6.95 -16.94 -4.80
C ILE B 59 6.93 -16.69 -3.29
N ILE B 60 7.28 -17.79 -2.62
CA ILE B 60 7.35 -17.73 -1.16
C ILE B 60 8.62 -17.03 -0.70
N ASP B 61 9.48 -16.56 -1.57
CA ASP B 61 10.65 -15.81 -1.18
C ASP B 61 10.21 -14.36 -0.97
N ASP B 62 9.23 -13.99 -1.80
CA ASP B 62 8.80 -12.61 -1.94
C ASP B 62 7.40 -12.42 -1.38
N TYR B 63 6.59 -13.49 -1.36
CA TYR B 63 5.17 -13.23 -1.01
C TYR B 63 4.83 -14.22 0.10
N LYS B 64 3.98 -13.75 1.01
CA LYS B 64 3.62 -14.69 2.09
C LYS B 64 2.59 -15.63 1.47
N VAL B 65 1.39 -15.70 1.99
CA VAL B 65 0.40 -16.68 1.55
C VAL B 65 1.04 -18.06 1.36
N THR B 66 1.05 -18.80 2.45
CA THR B 66 1.58 -20.16 2.56
C THR B 66 0.74 -21.19 1.80
N SER B 67 1.25 -22.41 1.79
CA SER B 67 0.56 -23.64 1.39
C SER B 67 -0.88 -23.58 1.86
N GLN B 68 -1.83 -24.34 1.27
CA GLN B 68 -3.23 -24.20 1.68
C GLN B 68 -3.71 -22.90 1.08
N VAL B 69 -4.96 -22.47 0.99
CA VAL B 69 -5.08 -21.15 0.30
C VAL B 69 -4.54 -21.36 -1.11
N LEU B 70 -3.26 -21.31 -1.45
CA LEU B 70 -2.72 -21.80 -2.68
C LEU B 70 -3.22 -23.17 -3.13
N GLY B 71 -3.97 -23.95 -2.39
CA GLY B 71 -4.61 -25.20 -2.68
C GLY B 71 -6.05 -24.84 -3.12
N LEU B 72 -6.48 -23.62 -2.80
CA LEU B 72 -7.76 -23.10 -3.27
C LEU B 72 -7.59 -22.19 -4.52
N GLY B 73 -6.37 -22.07 -5.01
CA GLY B 73 -6.00 -21.34 -6.19
C GLY B 73 -5.67 -22.27 -7.35
N ILE B 74 -5.66 -23.60 -7.12
CA ILE B 74 -5.37 -24.59 -8.16
C ILE B 74 -6.51 -24.61 -9.19
N ASN B 75 -7.61 -23.99 -8.89
CA ASN B 75 -8.79 -23.98 -9.72
C ASN B 75 -8.90 -22.80 -10.69
N GLY B 76 -7.97 -21.87 -10.71
CA GLY B 76 -8.03 -20.60 -11.39
C GLY B 76 -8.73 -19.56 -10.49
N LYS B 77 -8.82 -19.74 -9.17
CA LYS B 77 -9.51 -18.72 -8.36
C LYS B 77 -8.54 -17.64 -7.96
N VAL B 78 -8.78 -16.37 -8.16
CA VAL B 78 -7.91 -15.29 -7.68
C VAL B 78 -7.96 -15.13 -6.17
N LEU B 79 -6.85 -15.29 -5.46
CA LEU B 79 -6.74 -15.13 -4.03
C LEU B 79 -5.74 -14.04 -3.61
N GLN B 80 -6.07 -13.38 -2.52
CA GLN B 80 -5.36 -12.29 -1.87
C GLN B 80 -4.07 -12.66 -1.18
N ILE B 81 -2.91 -12.13 -1.50
CA ILE B 81 -1.65 -12.51 -0.83
C ILE B 81 -0.85 -11.26 -0.39
N PHE B 82 0.30 -11.33 0.27
CA PHE B 82 0.98 -10.17 0.78
C PHE B 82 2.44 -10.14 0.42
N ASN B 83 3.05 -8.96 0.34
CA ASN B 83 4.47 -8.83 0.02
C ASN B 83 5.34 -8.72 1.28
N LYS B 84 6.43 -9.48 1.30
CA LYS B 84 7.40 -9.61 2.34
C LYS B 84 8.24 -8.38 2.59
N ARG B 85 8.66 -7.71 1.51
CA ARG B 85 9.44 -6.51 1.81
C ARG B 85 8.54 -5.29 1.72
N THR B 86 7.44 -5.15 2.45
CA THR B 86 6.66 -3.93 2.34
C THR B 86 5.25 -4.03 2.90
N GLN B 87 4.91 -5.19 3.42
CA GLN B 87 3.48 -5.36 3.67
C GLN B 87 2.84 -5.22 2.28
N GLU B 88 1.69 -4.60 2.12
CA GLU B 88 0.99 -4.49 0.84
C GLU B 88 0.27 -5.76 0.33
N LYS B 89 -1.06 -5.70 0.19
CA LYS B 89 -1.81 -6.85 -0.30
C LYS B 89 -1.94 -6.88 -1.84
N PHE B 90 -1.50 -8.02 -2.41
CA PHE B 90 -1.62 -8.25 -3.83
C PHE B 90 -2.63 -9.33 -4.18
N ALA B 91 -2.99 -9.46 -5.44
CA ALA B 91 -3.91 -10.48 -5.94
C ALA B 91 -3.05 -11.51 -6.70
N LEU B 92 -3.29 -12.79 -6.55
CA LEU B 92 -2.66 -13.96 -7.16
C LEU B 92 -3.62 -14.80 -8.00
N LYS B 93 -3.13 -15.32 -9.12
CA LYS B 93 -3.92 -16.19 -9.99
C LYS B 93 -3.08 -17.39 -10.38
N MET B 94 -3.47 -18.60 -10.08
CA MET B 94 -2.66 -19.76 -10.49
C MET B 94 -3.22 -20.40 -11.74
N LEU B 95 -2.39 -20.69 -12.71
CA LEU B 95 -2.56 -21.29 -13.97
C LEU B 95 -1.58 -22.46 -14.11
N GLN B 96 -1.94 -23.45 -14.95
CA GLN B 96 -0.94 -24.46 -15.31
C GLN B 96 -0.03 -23.80 -16.36
N ASP B 97 1.27 -23.90 -16.29
CA ASP B 97 2.10 -23.26 -17.29
C ASP B 97 2.03 -23.97 -18.63
N CYS B 98 1.94 -23.22 -19.69
CA CYS B 98 1.97 -23.64 -21.09
C CYS B 98 1.58 -22.46 -21.95
N PRO B 99 2.01 -22.45 -23.20
CA PRO B 99 1.64 -21.32 -24.10
C PRO B 99 0.14 -21.46 -24.13
N LYS B 100 -0.67 -20.48 -24.04
CA LYS B 100 -2.09 -20.55 -23.86
C LYS B 100 -2.33 -19.85 -22.50
N ALA B 101 -1.57 -20.21 -21.48
CA ALA B 101 -1.57 -19.44 -20.25
C ALA B 101 -0.43 -18.43 -20.46
N ARG B 102 0.62 -18.99 -21.07
CA ARG B 102 1.79 -18.15 -21.24
C ARG B 102 1.41 -17.01 -22.17
N ARG B 103 0.66 -17.29 -23.19
CA ARG B 103 0.08 -16.29 -24.07
C ARG B 103 -0.94 -15.38 -23.40
N GLU B 104 -1.91 -15.90 -22.66
CA GLU B 104 -2.90 -15.04 -22.02
C GLU B 104 -2.26 -14.08 -20.99
N VAL B 105 -1.18 -14.51 -20.33
CA VAL B 105 -0.43 -13.71 -19.41
C VAL B 105 0.48 -12.75 -20.18
N GLU B 106 0.81 -13.02 -21.40
CA GLU B 106 1.64 -12.15 -22.24
C GLU B 106 0.75 -11.07 -22.80
N LEU B 107 -0.39 -11.42 -23.41
CA LEU B 107 -1.40 -10.44 -23.82
C LEU B 107 -1.72 -9.41 -22.74
N HIS B 108 -2.23 -9.92 -21.62
CA HIS B 108 -2.53 -9.08 -20.46
C HIS B 108 -1.40 -8.13 -20.10
N TRP B 109 -0.20 -8.65 -19.93
CA TRP B 109 0.97 -7.88 -19.57
C TRP B 109 1.14 -6.70 -20.49
N ARG B 110 0.92 -6.83 -21.79
CA ARG B 110 1.07 -5.74 -22.73
C ARG B 110 0.08 -4.64 -22.42
N ALA B 111 -1.08 -4.99 -21.89
CA ALA B 111 -2.12 -4.02 -21.64
C ALA B 111 -2.13 -3.53 -20.22
N SER B 112 -1.32 -4.11 -19.35
CA SER B 112 -1.31 -3.84 -17.93
C SER B 112 -1.15 -2.34 -17.75
N GLN B 113 -0.33 -1.74 -18.59
CA GLN B 113 -0.22 -0.32 -18.79
C GLN B 113 -1.57 0.40 -18.59
N CYS B 114 -2.41 0.41 -19.62
CA CYS B 114 -3.69 1.06 -19.61
C CYS B 114 -4.26 1.11 -18.21
N PRO B 115 -4.62 2.32 -17.78
CA PRO B 115 -5.17 2.48 -16.45
C PRO B 115 -6.50 1.78 -16.31
N HIS B 116 -7.17 1.39 -17.38
CA HIS B 116 -8.43 0.70 -17.45
C HIS B 116 -8.34 -0.80 -17.50
N ILE B 117 -7.14 -1.37 -17.44
CA ILE B 117 -6.82 -2.76 -17.32
C ILE B 117 -6.07 -2.96 -15.99
N VAL B 118 -6.48 -4.00 -15.27
CA VAL B 118 -5.77 -4.33 -14.04
C VAL B 118 -4.27 -4.44 -14.35
N ARG B 119 -3.49 -3.84 -13.46
CA ARG B 119 -2.05 -3.99 -13.49
C ARG B 119 -1.51 -5.29 -12.91
N ILE B 120 -0.43 -5.77 -13.54
CA ILE B 120 0.26 -6.95 -13.05
C ILE B 120 1.62 -6.57 -12.49
N VAL B 121 1.89 -6.89 -11.22
CA VAL B 121 3.16 -6.56 -10.62
C VAL B 121 4.24 -7.60 -10.84
N ASP B 122 3.91 -8.88 -10.97
CA ASP B 122 4.88 -9.93 -11.13
C ASP B 122 4.21 -11.19 -11.70
N VAL B 123 5.10 -11.99 -12.25
CA VAL B 123 4.80 -13.30 -12.79
C VAL B 123 5.96 -14.23 -12.52
N TYR B 124 5.65 -15.36 -11.90
CA TYR B 124 6.54 -16.42 -11.50
C TYR B 124 6.23 -17.73 -12.23
N GLU B 125 7.36 -18.36 -12.61
CA GLU B 125 7.32 -19.76 -13.08
C GLU B 125 8.00 -20.65 -12.04
N ASN B 126 7.15 -21.30 -11.25
CA ASN B 126 7.41 -22.13 -10.11
C ASN B 126 6.84 -23.53 -10.20
N LEU B 127 7.27 -24.39 -9.27
CA LEU B 127 6.95 -25.81 -9.23
C LEU B 127 6.04 -26.10 -8.04
N TYR B 128 4.85 -26.63 -8.23
CA TYR B 128 3.98 -26.88 -7.06
C TYR B 128 3.17 -28.12 -7.28
N ALA B 129 2.98 -29.08 -6.39
CA ALA B 129 2.26 -30.32 -6.65
C ALA B 129 2.89 -31.21 -7.71
N GLY B 130 4.18 -31.15 -8.03
CA GLY B 130 4.80 -31.78 -9.17
C GLY B 130 4.53 -31.17 -10.56
N ARG B 131 3.58 -30.21 -10.54
CA ARG B 131 3.18 -29.44 -11.73
C ARG B 131 4.06 -28.22 -11.96
N LYS B 132 4.05 -27.67 -13.15
CA LYS B 132 4.83 -26.50 -13.56
C LYS B 132 3.90 -25.29 -13.53
N CYS B 133 3.90 -24.42 -12.55
CA CYS B 133 2.83 -23.46 -12.36
C CYS B 133 3.04 -22.04 -12.84
N LEU B 134 1.96 -21.35 -13.20
CA LEU B 134 2.14 -19.97 -13.66
C LEU B 134 1.40 -19.07 -12.67
N LEU B 135 2.16 -18.44 -11.77
CA LEU B 135 1.66 -17.61 -10.70
C LEU B 135 1.69 -16.13 -11.08
N ILE B 136 0.57 -15.51 -11.35
CA ILE B 136 0.46 -14.12 -11.68
C ILE B 136 0.03 -13.26 -10.47
N VAL B 137 0.96 -12.29 -10.20
CA VAL B 137 0.74 -11.36 -9.13
C VAL B 137 0.20 -10.04 -9.74
N MET B 138 -1.01 -9.71 -9.28
CA MET B 138 -1.73 -8.56 -9.69
C MET B 138 -2.10 -7.66 -8.51
N GLU B 139 -2.35 -6.38 -8.88
CA GLU B 139 -2.90 -5.40 -7.97
C GLU B 139 -4.26 -5.86 -7.39
N CYS B 140 -4.39 -5.74 -6.07
CA CYS B 140 -5.67 -6.06 -5.46
C CYS B 140 -6.58 -4.84 -5.70
N LEU B 141 -7.78 -5.05 -6.20
CA LEU B 141 -8.81 -4.06 -6.40
C LEU B 141 -9.87 -4.42 -5.37
N ASP B 142 -10.05 -3.72 -4.25
CA ASP B 142 -11.06 -4.19 -3.30
C ASP B 142 -12.30 -3.30 -3.25
N GLY B 143 -12.67 -2.80 -4.42
CA GLY B 143 -13.82 -2.00 -4.67
C GLY B 143 -15.04 -2.85 -5.00
N GLY B 144 -14.85 -4.16 -5.18
CA GLY B 144 -15.95 -5.05 -5.52
C GLY B 144 -16.38 -4.89 -6.96
N GLU B 145 -17.07 -5.91 -7.43
CA GLU B 145 -17.59 -6.00 -8.78
C GLU B 145 -18.55 -4.91 -9.15
N LEU B 146 -18.48 -4.47 -10.41
CA LEU B 146 -19.27 -3.37 -10.91
C LEU B 146 -20.75 -3.41 -10.52
N PHE B 147 -21.50 -4.43 -10.94
CA PHE B 147 -22.90 -4.54 -10.64
C PHE B 147 -23.21 -4.86 -9.19
N SER B 148 -22.23 -4.95 -8.32
CA SER B 148 -22.39 -5.19 -6.89
C SER B 148 -22.50 -3.81 -6.29
N ARG B 149 -21.56 -2.99 -6.76
CA ARG B 149 -21.59 -1.60 -6.30
C ARG B 149 -23.00 -1.09 -6.57
N ILE B 150 -23.40 -1.02 -7.82
CA ILE B 150 -24.70 -0.54 -8.26
C ILE B 150 -25.82 -1.23 -7.49
N GLN B 151 -25.95 -2.54 -7.60
CA GLN B 151 -26.91 -3.31 -6.84
C GLN B 151 -27.00 -2.86 -5.40
N ASP B 152 -25.93 -2.86 -4.62
CA ASP B 152 -25.91 -2.48 -3.22
C ASP B 152 -25.95 -0.96 -3.05
N ARG B 153 -26.82 -0.26 -3.76
CA ARG B 153 -26.88 1.19 -3.72
C ARG B 153 -28.10 1.69 -4.48
N GLY B 154 -29.26 1.45 -3.86
CA GLY B 154 -30.59 1.79 -4.30
C GLY B 154 -31.04 3.22 -4.16
N ASP B 155 -31.16 3.74 -2.94
CA ASP B 155 -31.61 5.12 -2.77
C ASP B 155 -30.76 6.02 -3.64
N GLN B 156 -29.44 6.05 -3.57
CA GLN B 156 -28.59 6.85 -4.43
C GLN B 156 -29.24 7.11 -5.80
N ALA B 157 -29.69 6.00 -6.34
CA ALA B 157 -30.44 5.99 -7.58
C ALA B 157 -29.34 6.10 -8.65
N PHE B 158 -29.20 4.99 -9.35
CA PHE B 158 -28.23 4.96 -10.45
C PHE B 158 -28.93 5.74 -11.56
N THR B 159 -28.17 6.54 -12.29
CA THR B 159 -28.80 7.35 -13.32
C THR B 159 -28.20 7.06 -14.67
N GLU B 160 -28.94 7.33 -15.74
CA GLU B 160 -28.59 7.17 -17.13
C GLU B 160 -27.24 7.83 -17.30
N ARG B 161 -27.06 9.02 -16.69
CA ARG B 161 -25.75 9.63 -16.79
C ARG B 161 -24.68 8.70 -16.24
N GLU B 162 -24.75 8.24 -15.01
CA GLU B 162 -23.74 7.35 -14.45
C GLU B 162 -23.48 6.08 -15.26
N ALA B 163 -24.43 5.66 -16.08
CA ALA B 163 -24.32 4.51 -16.95
C ALA B 163 -23.66 4.86 -18.28
N SER B 164 -23.80 6.10 -18.76
CA SER B 164 -23.14 6.62 -19.93
C SER B 164 -21.65 6.66 -19.62
N GLU B 165 -21.38 7.19 -18.44
CA GLU B 165 -20.07 7.25 -17.83
C GLU B 165 -19.44 5.89 -17.62
N ILE B 166 -20.22 4.89 -17.17
CA ILE B 166 -19.62 3.57 -16.92
C ILE B 166 -19.32 2.95 -18.27
N MET B 167 -20.12 3.20 -19.30
CA MET B 167 -19.90 2.64 -20.62
C MET B 167 -18.67 3.21 -21.34
N LYS B 168 -18.44 4.49 -21.02
CA LYS B 168 -17.32 5.19 -21.59
C LYS B 168 -16.03 4.65 -21.00
N SER B 169 -16.03 4.25 -19.73
CA SER B 169 -14.88 3.59 -19.13
C SER B 169 -14.59 2.24 -19.80
N ILE B 170 -15.50 1.31 -19.65
CA ILE B 170 -15.44 0.03 -20.32
C ILE B 170 -15.09 0.28 -21.78
N GLY B 171 -15.90 0.99 -22.53
CA GLY B 171 -15.58 1.27 -23.94
C GLY B 171 -14.13 1.66 -24.14
N GLU B 172 -13.58 2.52 -23.30
CA GLU B 172 -12.18 2.87 -23.35
C GLU B 172 -11.21 1.71 -23.45
N ALA B 173 -11.27 0.79 -22.48
CA ALA B 173 -10.45 -0.40 -22.41
C ALA B 173 -10.50 -1.21 -23.70
N ILE B 174 -11.72 -1.39 -24.20
CA ILE B 174 -11.92 -2.00 -25.50
C ILE B 174 -11.25 -1.16 -26.56
N GLN B 175 -11.33 0.18 -26.43
CA GLN B 175 -10.64 0.95 -27.46
C GLN B 175 -9.15 0.68 -27.33
N TYR B 176 -8.63 0.48 -26.11
CA TYR B 176 -7.20 0.26 -25.96
C TYR B 176 -6.75 -1.10 -26.49
N LEU B 177 -7.27 -2.16 -25.86
CA LEU B 177 -7.02 -3.50 -26.38
C LEU B 177 -7.08 -3.59 -27.90
N HIS B 178 -8.23 -3.26 -28.49
CA HIS B 178 -8.35 -3.31 -29.93
C HIS B 178 -7.29 -2.56 -30.71
N SER B 179 -7.02 -1.30 -30.38
CA SER B 179 -6.03 -0.55 -31.12
C SER B 179 -4.68 -1.24 -31.02
N ILE B 180 -4.37 -1.95 -29.95
CA ILE B 180 -3.16 -2.75 -29.89
C ILE B 180 -3.43 -4.23 -30.27
N ASN B 181 -4.40 -4.45 -31.14
CA ASN B 181 -4.85 -5.68 -31.69
C ASN B 181 -4.96 -6.82 -30.70
N ILE B 182 -5.74 -6.65 -29.65
CA ILE B 182 -6.03 -7.69 -28.68
C ILE B 182 -7.56 -7.77 -28.61
N ALA B 183 -8.15 -8.95 -28.77
CA ALA B 183 -9.63 -9.03 -28.50
C ALA B 183 -9.79 -9.74 -27.15
N HIS B 184 -10.41 -9.03 -26.18
CA HIS B 184 -10.58 -9.54 -24.82
C HIS B 184 -11.39 -10.84 -24.86
N ARG B 185 -12.56 -10.85 -25.42
CA ARG B 185 -13.45 -11.97 -25.57
C ARG B 185 -14.05 -12.47 -24.27
N ASP B 186 -13.90 -11.84 -23.11
CA ASP B 186 -14.61 -12.35 -21.94
C ASP B 186 -15.12 -11.29 -20.97
N VAL B 187 -15.40 -10.10 -21.49
CA VAL B 187 -15.90 -8.92 -20.82
C VAL B 187 -17.29 -9.17 -20.27
N LYS B 188 -17.41 -9.44 -19.02
CA LYS B 188 -18.65 -9.74 -18.28
C LYS B 188 -18.62 -9.07 -16.91
N PRO B 189 -19.74 -8.86 -16.26
CA PRO B 189 -19.77 -8.20 -14.96
C PRO B 189 -18.75 -8.68 -13.95
N GLU B 190 -18.30 -9.93 -13.96
CA GLU B 190 -17.33 -10.53 -13.12
C GLU B 190 -15.90 -10.09 -13.42
N ASN B 191 -15.73 -9.57 -14.65
CA ASN B 191 -14.43 -9.05 -15.05
C ASN B 191 -14.40 -7.54 -14.90
N LEU B 192 -15.40 -6.87 -14.36
CA LEU B 192 -15.46 -5.43 -14.17
C LEU B 192 -15.57 -5.12 -12.68
N LEU B 193 -14.46 -4.69 -12.12
CA LEU B 193 -14.28 -4.37 -10.70
C LEU B 193 -13.85 -2.95 -10.39
N TYR B 194 -14.36 -2.34 -9.31
CA TYR B 194 -13.92 -0.98 -8.94
C TYR B 194 -12.60 -1.08 -8.16
N THR B 195 -11.69 -0.13 -8.28
CA THR B 195 -10.40 -0.23 -7.62
C THR B 195 -10.48 0.00 -6.12
N SER B 196 -11.32 0.95 -5.68
CA SER B 196 -11.13 1.44 -4.30
C SER B 196 -12.31 1.13 -3.39
N LYS B 197 -13.56 1.24 -3.83
CA LYS B 197 -14.73 1.05 -2.98
C LYS B 197 -15.25 2.43 -2.58
N ARG B 198 -14.37 3.40 -2.39
CA ARG B 198 -14.81 4.80 -2.26
C ARG B 198 -15.55 5.19 -3.54
N PRO B 199 -16.06 6.41 -3.61
CA PRO B 199 -16.54 6.99 -4.89
C PRO B 199 -15.30 7.23 -5.73
N ASN B 200 -15.11 8.18 -6.63
CA ASN B 200 -13.84 8.41 -7.30
C ASN B 200 -12.93 7.24 -7.68
N ALA B 201 -13.42 6.02 -7.72
CA ALA B 201 -12.64 4.85 -7.96
C ALA B 201 -12.75 4.62 -9.47
N ILE B 202 -11.74 4.05 -10.02
CA ILE B 202 -11.85 3.69 -11.42
C ILE B 202 -12.16 2.19 -11.54
N LEU B 203 -13.06 1.99 -12.51
CA LEU B 203 -13.44 0.64 -12.94
C LEU B 203 -12.36 0.13 -13.89
N LYS B 204 -12.00 -1.13 -13.77
CA LYS B 204 -11.03 -1.83 -14.57
C LYS B 204 -11.49 -3.25 -14.91
N LEU B 205 -10.97 -3.81 -16.01
CA LEU B 205 -11.34 -5.21 -16.29
C LEU B 205 -10.16 -6.18 -16.20
N THR B 206 -10.28 -7.35 -15.60
CA THR B 206 -9.07 -8.20 -15.57
C THR B 206 -9.44 -9.46 -16.35
N ASP B 207 -8.78 -10.59 -16.10
CA ASP B 207 -9.19 -11.86 -16.73
C ASP B 207 -8.99 -11.97 -18.23
N PHE B 208 -7.76 -12.13 -18.70
CA PHE B 208 -7.36 -12.28 -20.06
C PHE B 208 -7.24 -13.74 -20.45
N GLY B 209 -7.87 -14.63 -19.74
CA GLY B 209 -7.88 -16.04 -20.07
C GLY B 209 -8.44 -16.38 -21.41
N PHE B 210 -9.37 -15.67 -22.06
CA PHE B 210 -9.82 -15.99 -23.39
C PHE B 210 -9.33 -14.92 -24.37
N ALA B 211 -8.40 -14.09 -23.92
CA ALA B 211 -7.89 -13.02 -24.76
C ALA B 211 -7.05 -13.62 -25.89
N LYS B 212 -7.06 -13.02 -27.08
CA LYS B 212 -6.37 -13.47 -28.24
C LYS B 212 -6.02 -12.28 -29.11
N GLU B 213 -4.91 -12.35 -29.82
CA GLU B 213 -4.31 -11.41 -30.72
C GLU B 213 -5.08 -11.16 -31.99
N THR B 214 -5.21 -9.91 -32.40
CA THR B 214 -6.13 -9.59 -33.49
C THR B 214 -5.26 -9.13 -34.63
N THR B 215 -4.44 -9.98 -35.17
CA THR B 215 -3.52 -9.58 -36.25
C THR B 215 -3.45 -10.77 -37.23
N SER B 216 -2.28 -11.36 -37.43
CA SER B 216 -2.26 -12.63 -38.16
C SER B 216 -2.53 -13.73 -37.11
N GLY B 236 -12.20 -14.13 -41.92
CA GLY B 236 -12.77 -13.11 -41.05
C GLY B 236 -12.51 -13.28 -39.57
N PRO B 237 -11.79 -14.27 -39.04
CA PRO B 237 -11.56 -14.36 -37.60
C PRO B 237 -11.34 -13.01 -36.90
N GLU B 238 -10.38 -12.19 -37.29
CA GLU B 238 -10.09 -10.90 -36.71
C GLU B 238 -11.36 -10.15 -36.40
N LYS B 239 -12.04 -9.64 -37.45
CA LYS B 239 -13.28 -8.88 -37.26
C LYS B 239 -14.20 -9.60 -36.27
N TYR B 240 -14.33 -10.91 -36.40
CA TYR B 240 -15.13 -11.79 -35.60
C TYR B 240 -14.75 -11.71 -34.15
N ASP B 241 -13.49 -11.90 -33.80
CA ASP B 241 -13.07 -11.81 -32.40
C ASP B 241 -13.43 -10.47 -31.83
N LYS B 242 -13.20 -9.33 -32.48
CA LYS B 242 -13.53 -8.02 -32.00
C LYS B 242 -15.05 -7.86 -31.84
N SER B 243 -15.85 -8.49 -32.69
CA SER B 243 -17.31 -8.43 -32.58
C SER B 243 -17.88 -9.15 -31.39
N CYS B 244 -17.16 -10.12 -30.87
CA CYS B 244 -17.59 -11.00 -29.76
C CYS B 244 -17.45 -10.14 -28.54
N ASP B 245 -16.56 -9.17 -28.61
CA ASP B 245 -16.38 -8.13 -27.60
C ASP B 245 -17.26 -6.93 -27.68
N MET B 246 -17.76 -6.62 -28.87
CA MET B 246 -18.68 -5.49 -29.08
C MET B 246 -20.06 -5.86 -28.61
N TRP B 247 -20.40 -7.15 -28.62
CA TRP B 247 -21.59 -7.75 -28.06
C TRP B 247 -21.60 -7.68 -26.53
N SER B 248 -20.50 -7.99 -25.84
CA SER B 248 -20.55 -7.80 -24.40
C SER B 248 -20.99 -6.40 -24.04
N LEU B 249 -20.50 -5.33 -24.69
CA LEU B 249 -20.91 -4.00 -24.24
C LEU B 249 -22.38 -3.72 -24.49
N GLY B 250 -22.90 -4.26 -25.60
CA GLY B 250 -24.34 -4.08 -25.85
C GLY B 250 -25.09 -4.65 -24.65
N VAL B 251 -24.84 -5.92 -24.37
CA VAL B 251 -25.46 -6.60 -23.26
C VAL B 251 -25.23 -5.86 -21.96
N ILE B 252 -24.08 -5.27 -21.66
CA ILE B 252 -23.91 -4.57 -20.40
C ILE B 252 -24.66 -3.26 -20.43
N MET B 253 -24.64 -2.66 -21.62
CA MET B 253 -25.34 -1.38 -21.80
C MET B 253 -26.81 -1.54 -21.45
N TYR B 254 -27.45 -2.47 -22.12
CA TYR B 254 -28.89 -2.74 -21.93
C TYR B 254 -29.16 -3.13 -20.51
N ILE B 255 -28.40 -4.05 -19.91
CA ILE B 255 -28.59 -4.44 -18.52
C ILE B 255 -28.43 -3.19 -17.66
N LEU B 256 -27.46 -2.33 -17.99
CA LEU B 256 -27.27 -1.12 -17.22
C LEU B 256 -28.58 -0.37 -17.06
N LEU B 257 -29.19 -0.04 -18.18
CA LEU B 257 -30.44 0.72 -18.23
C LEU B 257 -31.61 -0.14 -17.81
N CYS B 258 -31.86 -1.12 -18.70
CA CYS B 258 -33.03 -2.05 -18.42
C CYS B 258 -32.96 -2.50 -17.00
N GLY B 259 -31.91 -2.99 -16.35
CA GLY B 259 -31.89 -3.63 -15.04
C GLY B 259 -31.87 -5.16 -15.30
N TYR B 260 -32.31 -5.53 -16.51
CA TYR B 260 -32.54 -6.82 -17.13
C TYR B 260 -31.67 -7.06 -18.37
N PRO B 261 -31.34 -8.31 -18.61
CA PRO B 261 -30.45 -8.73 -19.71
C PRO B 261 -31.10 -8.45 -21.05
N PRO B 262 -30.45 -8.08 -22.12
CA PRO B 262 -31.09 -7.79 -23.38
C PRO B 262 -31.47 -9.12 -23.99
N PHE B 263 -32.63 -9.22 -24.62
CA PHE B 263 -33.11 -10.45 -25.19
C PHE B 263 -34.40 -10.37 -25.99
N TYR B 264 -35.33 -11.24 -25.65
CA TYR B 264 -36.64 -11.61 -26.08
C TYR B 264 -36.77 -12.20 -27.49
N SER B 265 -36.80 -11.32 -28.45
CA SER B 265 -37.05 -11.51 -29.87
C SER B 265 -38.45 -12.02 -30.18
N ASN B 266 -38.78 -12.30 -31.42
CA ASN B 266 -40.08 -12.78 -31.90
C ASN B 266 -40.71 -11.58 -32.62
N HIS B 267 -40.54 -10.44 -31.97
CA HIS B 267 -40.84 -9.12 -32.48
C HIS B 267 -39.48 -8.43 -32.66
N GLY B 268 -38.40 -9.07 -32.17
CA GLY B 268 -37.11 -8.59 -32.47
C GLY B 268 -36.10 -7.73 -31.79
N LEU B 269 -36.09 -7.82 -30.47
CA LEU B 269 -35.16 -7.11 -29.62
C LEU B 269 -35.89 -6.23 -28.63
N ALA B 270 -36.07 -6.71 -27.42
CA ALA B 270 -36.73 -5.91 -26.40
C ALA B 270 -38.19 -5.61 -26.64
N ILE B 271 -38.86 -6.07 -27.68
CA ILE B 271 -40.28 -6.01 -27.89
C ILE B 271 -40.96 -7.25 -27.28
N SER B 272 -41.56 -7.08 -26.13
CA SER B 272 -42.27 -8.14 -25.44
C SER B 272 -43.42 -8.68 -26.30
N PRO B 273 -43.85 -9.89 -25.97
CA PRO B 273 -45.04 -10.46 -26.59
C PRO B 273 -46.23 -9.62 -26.15
N GLY B 274 -47.37 -9.70 -26.84
CA GLY B 274 -48.54 -8.94 -26.41
C GLY B 274 -49.14 -9.62 -25.19
N MET B 275 -50.33 -9.22 -24.76
CA MET B 275 -50.99 -9.92 -23.63
C MET B 275 -51.53 -11.20 -24.27
N LYS B 276 -52.10 -12.15 -23.55
CA LYS B 276 -52.58 -13.41 -24.16
C LYS B 276 -51.36 -14.31 -24.20
N THR B 277 -50.37 -13.88 -25.00
CA THR B 277 -49.08 -14.57 -24.97
C THR B 277 -48.55 -14.46 -23.54
N ARG B 278 -48.44 -13.21 -23.09
CA ARG B 278 -48.08 -12.98 -21.69
C ARG B 278 -49.02 -13.76 -20.78
N ILE B 279 -50.34 -13.69 -20.97
CA ILE B 279 -51.33 -14.36 -20.13
C ILE B 279 -51.37 -15.87 -20.25
N ARG B 280 -51.21 -16.52 -21.36
CA ARG B 280 -51.05 -17.96 -21.51
C ARG B 280 -49.66 -18.46 -21.10
N MET B 281 -48.57 -17.82 -21.49
CA MET B 281 -47.22 -18.26 -21.20
C MET B 281 -46.78 -17.85 -19.79
N GLY B 282 -47.47 -16.85 -19.25
CA GLY B 282 -47.11 -16.20 -18.00
C GLY B 282 -46.01 -15.16 -18.21
N GLN B 283 -45.83 -14.43 -17.13
CA GLN B 283 -44.92 -13.30 -16.98
C GLN B 283 -45.30 -12.61 -15.67
N TYR B 284 -46.41 -13.16 -15.18
CA TYR B 284 -47.19 -12.77 -14.05
C TYR B 284 -48.61 -13.20 -14.39
N ASN B 288 -42.47 -11.02 -15.29
CA ASN B 288 -42.81 -9.76 -15.96
C ASN B 288 -41.59 -8.91 -16.25
N PRO B 289 -40.69 -9.36 -17.14
CA PRO B 289 -39.52 -8.52 -17.43
C PRO B 289 -39.81 -7.21 -18.18
N GLU B 290 -40.45 -6.26 -17.50
CA GLU B 290 -40.67 -4.91 -17.99
C GLU B 290 -39.33 -4.18 -17.97
N TRP B 291 -38.55 -4.44 -19.03
CA TRP B 291 -37.25 -3.89 -19.28
C TRP B 291 -37.39 -2.51 -19.88
N SER B 292 -38.55 -1.91 -19.76
CA SER B 292 -38.93 -0.57 -20.16
C SER B 292 -38.26 -0.22 -21.48
N GLU B 293 -39.00 -0.21 -22.59
CA GLU B 293 -38.37 0.03 -23.90
C GLU B 293 -38.91 1.25 -24.60
N VAL B 294 -38.95 2.39 -23.90
CA VAL B 294 -39.23 3.70 -24.51
C VAL B 294 -38.10 4.60 -24.03
N SER B 295 -36.89 4.30 -24.56
CA SER B 295 -35.74 4.91 -23.91
C SER B 295 -34.83 5.86 -24.67
N GLU B 296 -35.24 6.41 -25.78
CA GLU B 296 -34.56 7.36 -26.63
C GLU B 296 -34.11 6.59 -27.88
N GLU B 297 -34.06 7.21 -29.07
CA GLU B 297 -33.62 6.44 -30.24
C GLU B 297 -32.08 6.39 -30.34
N VAL B 298 -31.33 7.37 -29.83
CA VAL B 298 -29.86 7.21 -29.73
C VAL B 298 -29.56 5.94 -28.94
N LYS B 299 -29.80 5.90 -27.64
CA LYS B 299 -29.72 4.66 -26.86
C LYS B 299 -30.35 3.50 -27.61
N MET B 300 -31.47 3.50 -28.33
CA MET B 300 -31.92 2.26 -28.96
C MET B 300 -31.01 1.82 -30.11
N LEU B 301 -30.87 2.64 -31.15
CA LEU B 301 -29.95 2.35 -32.24
C LEU B 301 -28.60 1.94 -31.67
N ILE B 302 -27.86 2.72 -30.92
CA ILE B 302 -26.56 2.26 -30.42
C ILE B 302 -26.54 0.84 -29.85
N ARG B 303 -27.57 0.40 -29.12
CA ARG B 303 -27.69 -0.90 -28.56
C ARG B 303 -27.97 -1.84 -29.72
N ASN B 304 -28.83 -1.40 -30.63
CA ASN B 304 -29.05 -2.25 -31.79
C ASN B 304 -27.72 -2.54 -32.48
N LEU B 305 -26.88 -1.53 -32.72
CA LEU B 305 -25.63 -1.74 -33.46
C LEU B 305 -24.72 -2.72 -32.77
N LEU B 306 -24.56 -2.54 -31.46
CA LEU B 306 -23.75 -3.44 -30.66
C LEU B 306 -24.17 -4.89 -30.74
N LYS B 307 -25.47 -5.10 -30.64
CA LYS B 307 -26.07 -6.42 -30.66
C LYS B 307 -26.06 -7.00 -32.05
N THR B 308 -25.87 -6.25 -33.10
CA THR B 308 -26.00 -6.78 -34.46
C THR B 308 -25.12 -7.98 -34.77
N GLU B 309 -25.56 -8.86 -35.66
CA GLU B 309 -24.82 -10.10 -35.94
C GLU B 309 -23.57 -9.95 -36.79
N PRO B 310 -22.37 -9.93 -36.23
CA PRO B 310 -21.10 -9.80 -36.94
C PRO B 310 -20.95 -8.96 -38.18
N THR B 311 -19.73 -8.68 -38.62
CA THR B 311 -19.27 -7.94 -39.78
C THR B 311 -19.99 -6.72 -40.31
N GLN B 312 -20.98 -6.22 -39.63
CA GLN B 312 -21.86 -5.12 -39.73
C GLN B 312 -21.94 -4.54 -38.29
N ARG B 313 -21.26 -5.28 -37.40
CA ARG B 313 -21.21 -4.95 -36.00
C ARG B 313 -20.57 -3.56 -35.88
N MET B 314 -20.94 -2.83 -34.85
CA MET B 314 -20.36 -1.55 -34.56
C MET B 314 -18.89 -1.79 -34.20
N THR B 315 -18.03 -0.81 -34.35
CA THR B 315 -16.63 -0.96 -33.97
C THR B 315 -16.44 -0.08 -32.75
N ILE B 316 -15.37 -0.28 -32.01
CA ILE B 316 -15.03 0.62 -30.92
C ILE B 316 -14.83 2.06 -31.34
N THR B 317 -14.25 2.41 -32.49
CA THR B 317 -14.18 3.83 -32.85
C THR B 317 -15.56 4.34 -33.18
N GLU B 318 -16.33 3.61 -34.00
CA GLU B 318 -17.74 4.03 -34.08
C GLU B 318 -18.36 4.21 -32.70
N PHE B 319 -18.30 3.29 -31.76
CA PHE B 319 -18.88 3.48 -30.44
C PHE B 319 -18.40 4.67 -29.63
N MET B 320 -17.11 4.86 -29.38
CA MET B 320 -16.59 5.96 -28.57
C MET B 320 -16.89 7.34 -29.18
N ASN B 321 -17.16 7.37 -30.47
CA ASN B 321 -17.55 8.47 -31.28
C ASN B 321 -19.04 8.74 -31.12
N HIS B 322 -19.79 7.97 -30.36
CA HIS B 322 -21.21 8.25 -30.29
C HIS B 322 -21.46 9.36 -29.30
N PRO B 323 -22.32 10.30 -29.68
CA PRO B 323 -22.75 11.38 -28.81
C PRO B 323 -23.08 10.96 -27.38
N TRP B 324 -23.73 9.83 -27.18
CA TRP B 324 -24.10 9.39 -25.85
C TRP B 324 -22.92 9.06 -24.98
N ILE B 325 -21.91 8.46 -25.60
CA ILE B 325 -20.68 8.08 -24.94
C ILE B 325 -19.69 9.22 -24.82
N MET B 326 -19.34 9.81 -25.95
CA MET B 326 -18.37 10.91 -25.97
C MET B 326 -18.85 12.15 -25.26
N GLN B 327 -20.04 12.59 -25.69
CA GLN B 327 -20.68 13.81 -25.19
C GLN B 327 -21.53 13.48 -23.97
N SER B 328 -21.08 12.50 -23.21
CA SER B 328 -21.75 11.99 -22.04
C SER B 328 -21.92 13.11 -21.03
N THR B 329 -22.44 12.80 -19.86
CA THR B 329 -22.61 13.83 -18.82
C THR B 329 -23.19 15.09 -19.45
N LYS B 330 -24.21 14.91 -20.25
CA LYS B 330 -24.98 15.75 -21.10
C LYS B 330 -26.07 14.81 -21.67
N VAL B 331 -26.04 13.58 -21.11
CA VAL B 331 -27.11 12.64 -21.27
C VAL B 331 -27.99 13.03 -20.05
N PRO B 332 -29.30 12.97 -20.23
CA PRO B 332 -30.21 13.17 -19.12
C PRO B 332 -29.82 12.36 -17.89
N GLN B 333 -30.17 12.80 -16.68
CA GLN B 333 -29.91 12.04 -15.48
C GLN B 333 -31.13 11.27 -14.98
N THR B 334 -31.96 10.84 -15.93
CA THR B 334 -33.13 10.07 -15.53
C THR B 334 -32.62 9.03 -14.52
N PRO B 335 -33.30 8.92 -13.38
CA PRO B 335 -32.99 7.87 -12.42
C PRO B 335 -33.48 6.55 -12.97
N LEU B 336 -32.69 5.47 -12.90
CA LEU B 336 -33.01 4.21 -13.52
C LEU B 336 -33.42 3.17 -12.49
N HIS B 337 -34.01 2.08 -12.98
CA HIS B 337 -34.44 1.02 -12.09
C HIS B 337 -33.43 -0.04 -11.76
N THR B 338 -32.42 -0.21 -12.57
CA THR B 338 -31.38 -1.20 -12.39
C THR B 338 -31.20 -1.75 -10.98
N SER B 339 -30.72 -0.88 -10.09
CA SER B 339 -30.46 -1.30 -8.74
C SER B 339 -31.60 -2.12 -8.13
N ARG B 340 -32.71 -1.47 -7.83
CA ARG B 340 -33.85 -2.18 -7.28
C ARG B 340 -34.06 -3.48 -8.06
N VAL B 341 -34.11 -3.54 -9.37
CA VAL B 341 -34.29 -4.83 -10.04
C VAL B 341 -33.32 -5.92 -9.58
N LEU B 342 -32.04 -5.54 -9.71
CA LEU B 342 -30.94 -6.39 -9.25
C LEU B 342 -31.15 -6.83 -7.80
N LYS B 343 -31.21 -5.94 -6.81
CA LYS B 343 -31.37 -6.31 -5.42
C LYS B 343 -32.65 -7.04 -5.06
N GLU B 344 -33.79 -6.64 -5.60
CA GLU B 344 -35.07 -7.30 -5.40
C GLU B 344 -35.11 -8.75 -5.81
N ASP B 345 -34.10 -9.31 -6.45
CA ASP B 345 -33.97 -10.71 -6.79
C ASP B 345 -32.50 -11.04 -7.00
N LYS B 346 -31.77 -11.16 -5.90
CA LYS B 346 -30.34 -11.40 -6.01
C LYS B 346 -30.11 -12.90 -6.14
N GLU B 347 -30.38 -13.41 -7.34
CA GLU B 347 -30.29 -14.84 -7.61
C GLU B 347 -30.76 -15.07 -9.04
N ARG B 348 -31.62 -14.15 -9.49
CA ARG B 348 -32.02 -14.15 -10.90
C ARG B 348 -30.76 -13.61 -11.60
N TRP B 349 -30.18 -12.65 -10.91
CA TRP B 349 -28.92 -12.02 -11.23
C TRP B 349 -27.81 -13.05 -11.38
N GLU B 350 -27.45 -13.77 -10.32
CA GLU B 350 -26.50 -14.89 -10.46
C GLU B 350 -26.86 -15.74 -11.68
N ASP B 351 -28.15 -16.08 -11.80
CA ASP B 351 -28.65 -16.81 -12.94
C ASP B 351 -28.18 -16.11 -14.20
N VAL B 352 -28.39 -14.82 -14.41
CA VAL B 352 -27.91 -14.19 -15.66
C VAL B 352 -26.41 -14.15 -15.78
N LYS B 353 -25.65 -13.79 -14.78
CA LYS B 353 -24.21 -13.88 -14.91
C LYS B 353 -23.77 -15.24 -15.39
N GLU B 354 -24.20 -16.34 -14.83
CA GLU B 354 -23.70 -17.63 -15.35
C GLU B 354 -24.17 -17.83 -16.78
N GLU B 355 -25.25 -17.21 -17.23
CA GLU B 355 -25.75 -17.38 -18.59
C GLU B 355 -24.91 -16.60 -19.56
N MET B 356 -24.46 -15.41 -19.16
CA MET B 356 -23.62 -14.61 -20.05
C MET B 356 -22.40 -15.46 -20.34
N THR B 357 -21.74 -15.95 -19.31
CA THR B 357 -20.58 -16.83 -19.39
C THR B 357 -20.82 -17.95 -20.36
N SER B 358 -21.97 -18.61 -20.22
CA SER B 358 -22.28 -19.64 -21.22
C SER B 358 -22.37 -19.13 -22.64
N ALA B 359 -23.15 -18.10 -22.91
CA ALA B 359 -23.32 -17.56 -24.23
C ALA B 359 -21.98 -17.12 -24.84
N LEU B 360 -21.19 -16.38 -24.03
CA LEU B 360 -19.92 -15.87 -24.53
C LEU B 360 -19.08 -17.06 -24.99
N ALA B 361 -18.93 -18.07 -24.15
CA ALA B 361 -18.15 -19.25 -24.43
C ALA B 361 -18.61 -20.00 -25.65
N THR B 362 -19.86 -19.96 -26.05
CA THR B 362 -20.25 -20.61 -27.30
C THR B 362 -20.01 -19.62 -28.43
N MET B 363 -20.36 -18.34 -28.28
CA MET B 363 -20.15 -17.30 -29.27
C MET B 363 -18.72 -17.18 -29.78
N ARG B 364 -17.77 -17.22 -28.85
CA ARG B 364 -16.36 -17.21 -29.27
C ARG B 364 -15.95 -18.33 -30.25
N VAL B 365 -14.97 -18.13 -31.14
CA VAL B 365 -14.50 -19.24 -31.97
C VAL B 365 -13.02 -19.52 -31.67
N ASP B 366 -12.44 -20.70 -31.69
CA ASP B 366 -11.04 -20.93 -31.36
C ASP B 366 -10.37 -21.94 -32.33
N TYR B 367 -9.04 -21.85 -32.51
CA TYR B 367 -8.46 -22.70 -33.56
C TYR B 367 -7.25 -23.43 -33.00
N GLU B 368 -7.41 -24.75 -32.95
CA GLU B 368 -6.31 -25.61 -32.49
C GLU B 368 -5.55 -26.20 -33.68
N GLN B 369 -4.38 -26.79 -33.41
CA GLN B 369 -3.68 -27.42 -34.53
C GLN B 369 -3.95 -28.91 -34.74
N ILE B 370 -3.97 -29.36 -36.00
CA ILE B 370 -4.15 -30.75 -36.30
C ILE B 370 -2.79 -31.48 -36.16
N LYS B 371 -2.88 -32.63 -35.49
CA LYS B 371 -1.73 -33.50 -35.23
C LYS B 371 -2.03 -34.94 -35.58
N ILE B 372 -1.16 -35.51 -36.37
CA ILE B 372 -1.35 -36.86 -36.94
C ILE B 372 -0.41 -37.87 -36.37
N LYS B 373 -0.51 -39.14 -36.65
CA LYS B 373 0.42 -40.21 -36.31
C LYS B 373 -0.44 -41.18 -35.49
N LYS B 374 -0.65 -42.33 -36.06
CA LYS B 374 -1.46 -43.48 -35.79
C LYS B 374 -1.99 -43.75 -34.40
N ILE B 375 -3.15 -44.41 -34.34
CA ILE B 375 -3.91 -44.82 -33.18
C ILE B 375 -5.14 -43.99 -32.81
N GLU B 376 -5.44 -42.96 -33.60
CA GLU B 376 -6.49 -41.99 -33.36
C GLU B 376 -6.35 -40.82 -34.32
N ASP B 377 -5.20 -40.48 -34.84
CA ASP B 377 -4.93 -39.39 -35.78
C ASP B 377 -5.60 -38.04 -35.62
N ALA B 378 -5.73 -37.51 -34.40
CA ALA B 378 -6.40 -36.26 -34.13
C ALA B 378 -5.78 -35.37 -33.05
HG HG C . 29.38 11.27 6.38
HG HG D . 10.97 -7.00 18.27
HG HG E . 7.70 1.48 19.44
HG HG F . 22.64 12.80 -0.90
HG HG G . 5.97 8.89 4.16
HG HG H . 24.21 8.45 27.94
HG HG I . 5.25 14.56 35.01
HG HG J . -2.90 -24.96 -20.78
HG HG K . -5.66 3.15 -22.07
HG HG L . -12.69 0.08 -17.61
HG HG M . -0.91 -24.51 -11.18
HG HG N . -7.36 -9.28 -3.86
HG HG O . -18.10 -13.08 -31.53
HG HG P . -32.79 -2.39 -20.45
#